data_2K2S
#
_entry.id   2K2S
#
loop_
_entity.id
_entity.type
_entity.pdbx_description
1 polymer 'Micronemal protein 1'
2 polymer 'Micronemal protein 6'
#
loop_
_entity_poly.entity_id
_entity_poly.type
_entity_poly.pdbx_seq_one_letter_code
_entity_poly.pdbx_strand_id
1 'polypeptide(L)'
;KTEIHGDSTKATLEEGQQLTLTFISTKLDVAVGSCHSLVANFLDGFLKFQTGSNSAFDVVEVEEPAGPAVLTIGLGHKGR
LAVVLDYTRLNAALGSAAYVVEDSGCSSSEEVSFQGVGSGATLVVTTLGESPTAVS
;
A
2 'polypeptide(L)' MANFVQLSETPAACSSNPCGPEAAGTCKETNSGYICRCNQGYRISLDGTGNVTCIVRQESG B
#
# COMPACT_ATOMS: atom_id res chain seq x y z
N LYS A 1 9.36 -6.19 17.08
CA LYS A 1 9.12 -6.43 15.64
C LYS A 1 8.86 -7.90 15.39
N THR A 2 7.97 -8.18 14.45
CA THR A 2 7.67 -9.55 14.08
C THR A 2 8.54 -9.99 12.93
N GLU A 3 9.63 -10.64 13.22
CA GLU A 3 10.55 -11.05 12.18
C GLU A 3 10.15 -12.41 11.64
N ILE A 4 9.74 -12.40 10.39
CA ILE A 4 9.20 -13.58 9.75
C ILE A 4 10.32 -14.48 9.27
N HIS A 5 11.14 -13.95 8.35
CA HIS A 5 12.24 -14.70 7.75
C HIS A 5 11.72 -15.99 7.12
N GLY A 6 10.79 -15.86 6.21
CA GLY A 6 10.21 -17.02 5.58
C GLY A 6 9.68 -16.70 4.21
N ASP A 7 8.73 -17.49 3.73
CA ASP A 7 8.19 -17.29 2.39
C ASP A 7 6.82 -16.65 2.43
N SER A 8 6.18 -16.70 3.58
CA SER A 8 4.86 -16.13 3.74
C SER A 8 4.53 -15.91 5.21
N THR A 9 3.60 -14.99 5.43
CA THR A 9 3.18 -14.66 6.77
C THR A 9 1.74 -14.14 6.73
N LYS A 10 1.11 -14.07 7.88
CA LYS A 10 -0.25 -13.59 7.96
C LYS A 10 -0.45 -12.71 9.18
N ALA A 11 -1.11 -11.59 8.96
CA ALA A 11 -1.35 -10.62 10.00
C ALA A 11 -2.83 -10.38 10.14
N THR A 12 -3.20 -9.73 11.21
CA THR A 12 -4.57 -9.39 11.44
C THR A 12 -4.74 -7.89 11.25
N LEU A 13 -5.46 -7.54 10.21
CA LEU A 13 -5.73 -6.16 9.92
C LEU A 13 -6.93 -5.74 10.73
N GLU A 14 -7.03 -4.46 11.01
CA GLU A 14 -8.19 -3.95 11.66
C GLU A 14 -8.41 -2.52 11.24
N GLU A 15 -9.67 -2.20 11.06
CA GLU A 15 -10.10 -0.85 10.77
C GLU A 15 -9.62 0.08 11.90
N GLY A 16 -8.67 0.97 11.62
CA GLY A 16 -8.07 1.74 12.69
C GLY A 16 -6.64 1.29 12.98
N GLN A 17 -6.21 0.24 12.29
CA GLN A 17 -4.85 -0.25 12.40
C GLN A 17 -4.23 -0.42 11.02
N GLN A 18 -2.91 -0.47 11.01
CA GLN A 18 -2.16 -0.73 9.79
C GLN A 18 -1.26 -1.95 10.00
N LEU A 19 -0.81 -2.54 8.90
CA LEU A 19 0.13 -3.64 8.97
C LEU A 19 1.31 -3.38 8.07
N THR A 20 2.48 -3.22 8.65
CA THR A 20 3.67 -2.97 7.86
C THR A 20 4.50 -4.24 7.72
N LEU A 21 4.93 -4.51 6.50
CA LEU A 21 5.78 -5.64 6.23
C LEU A 21 7.07 -5.20 5.56
N THR A 22 8.18 -5.40 6.23
CA THR A 22 9.46 -5.20 5.60
C THR A 22 9.96 -6.54 5.07
N PHE A 23 9.78 -6.75 3.78
CA PHE A 23 10.16 -8.00 3.14
C PHE A 23 11.11 -7.70 2.00
N ILE A 24 11.72 -8.75 1.47
CA ILE A 24 12.54 -8.60 0.28
C ILE A 24 12.04 -9.55 -0.78
N SER A 25 11.32 -9.00 -1.74
CA SER A 25 10.71 -9.81 -2.77
C SER A 25 10.93 -9.17 -4.13
N THR A 26 10.59 -9.91 -5.16
CA THR A 26 10.61 -9.40 -6.51
C THR A 26 9.28 -9.61 -7.19
N LYS A 27 8.36 -10.27 -6.49
CA LYS A 27 7.04 -10.54 -7.01
C LYS A 27 6.16 -11.10 -5.89
N LEU A 28 5.81 -10.25 -4.95
CA LEU A 28 5.04 -10.66 -3.78
C LEU A 28 3.55 -10.57 -4.04
N ASP A 29 2.82 -11.61 -3.67
CA ASP A 29 1.37 -11.62 -3.87
C ASP A 29 0.67 -11.80 -2.53
N VAL A 30 -0.25 -10.91 -2.21
CA VAL A 30 -0.92 -10.99 -0.94
C VAL A 30 -2.42 -10.89 -1.11
N ALA A 31 -3.14 -11.43 -0.15
CA ALA A 31 -4.59 -11.41 -0.16
C ALA A 31 -5.10 -11.20 1.26
N VAL A 32 -6.15 -10.43 1.36
CA VAL A 32 -6.74 -10.09 2.65
C VAL A 32 -8.05 -10.85 2.86
N GLY A 33 -8.18 -11.43 4.07
CA GLY A 33 -9.33 -12.26 4.41
C GLY A 33 -10.63 -11.51 4.57
N SER A 34 -11.10 -10.95 3.48
CA SER A 34 -12.41 -10.34 3.37
C SER A 34 -12.60 -9.96 1.92
N CYS A 35 -11.88 -8.95 1.48
CA CYS A 35 -11.68 -8.71 0.06
C CYS A 35 -10.48 -7.81 -0.18
N HIS A 36 -9.39 -8.40 -0.65
CA HIS A 36 -8.26 -7.65 -1.16
C HIS A 36 -7.24 -8.62 -1.74
N SER A 37 -6.67 -8.33 -2.88
CA SER A 37 -5.55 -9.14 -3.38
C SER A 37 -4.67 -8.30 -4.29
N LEU A 38 -3.38 -8.54 -4.26
CA LEU A 38 -2.45 -7.76 -5.07
C LEU A 38 -1.22 -8.58 -5.43
N VAL A 39 -0.52 -8.13 -6.46
CA VAL A 39 0.73 -8.71 -6.87
C VAL A 39 1.73 -7.60 -7.09
N ALA A 40 2.74 -7.56 -6.24
CA ALA A 40 3.81 -6.60 -6.40
C ALA A 40 4.80 -7.13 -7.40
N ASN A 41 4.55 -6.82 -8.66
CA ASN A 41 5.40 -7.25 -9.76
C ASN A 41 6.63 -6.36 -9.84
N PHE A 42 7.46 -6.44 -8.80
CA PHE A 42 8.62 -5.59 -8.66
C PHE A 42 9.54 -5.69 -9.88
N LEU A 43 9.79 -6.92 -10.31
CA LEU A 43 10.70 -7.19 -11.43
C LEU A 43 10.28 -6.46 -12.70
N ASP A 44 9.03 -6.65 -13.10
CA ASP A 44 8.51 -6.02 -14.31
C ASP A 44 8.38 -4.52 -14.07
N GLY A 45 8.35 -4.17 -12.79
CA GLY A 45 8.28 -2.78 -12.40
C GLY A 45 6.88 -2.24 -12.40
N PHE A 46 5.94 -3.03 -11.87
CA PHE A 46 4.57 -2.57 -11.77
C PHE A 46 3.87 -3.25 -10.59
N LEU A 47 2.95 -2.54 -9.98
CA LEU A 47 2.23 -3.05 -8.83
C LEU A 47 0.77 -3.25 -9.16
N LYS A 48 0.32 -4.49 -9.17
CA LYS A 48 -1.05 -4.82 -9.53
C LYS A 48 -1.87 -5.17 -8.30
N PHE A 49 -3.08 -4.64 -8.19
CA PHE A 49 -3.92 -4.93 -7.04
C PHE A 49 -5.41 -4.96 -7.41
N GLN A 50 -6.15 -5.88 -6.82
CA GLN A 50 -7.59 -5.98 -7.02
C GLN A 50 -8.33 -5.87 -5.70
N THR A 51 -9.62 -5.57 -5.77
CA THR A 51 -10.46 -5.55 -4.61
C THR A 51 -11.74 -6.34 -4.84
N GLY A 52 -11.78 -7.55 -4.30
CA GLY A 52 -12.91 -8.43 -4.48
C GLY A 52 -12.45 -9.84 -4.75
N SER A 53 -13.37 -10.73 -5.10
CA SER A 53 -13.01 -12.10 -5.42
C SER A 53 -12.35 -12.16 -6.80
N ASN A 54 -13.16 -12.03 -7.85
CA ASN A 54 -12.64 -11.99 -9.21
C ASN A 54 -12.71 -10.56 -9.71
N SER A 55 -11.57 -9.93 -9.84
CA SER A 55 -11.51 -8.53 -10.24
C SER A 55 -10.20 -8.24 -10.96
N ALA A 56 -10.21 -7.17 -11.74
CA ALA A 56 -9.02 -6.73 -12.44
C ALA A 56 -8.12 -5.94 -11.51
N PHE A 57 -6.83 -6.18 -11.63
CA PHE A 57 -5.86 -5.51 -10.79
C PHE A 57 -5.38 -4.22 -11.45
N ASP A 58 -5.42 -3.10 -10.74
CA ASP A 58 -4.84 -1.86 -11.27
C ASP A 58 -3.34 -1.94 -11.12
N VAL A 59 -2.62 -1.22 -11.95
CA VAL A 59 -1.17 -1.20 -11.86
C VAL A 59 -0.67 0.17 -11.43
N VAL A 60 0.23 0.16 -10.47
CA VAL A 60 1.03 1.32 -10.20
C VAL A 60 2.48 1.01 -10.54
N GLU A 61 3.01 1.75 -11.49
CA GLU A 61 4.34 1.51 -12.00
C GLU A 61 5.36 1.62 -10.89
N VAL A 62 6.34 0.75 -10.94
CA VAL A 62 7.38 0.71 -9.94
C VAL A 62 8.72 1.07 -10.59
N GLU A 63 9.52 1.86 -9.88
CA GLU A 63 10.73 2.43 -10.45
C GLU A 63 11.92 1.48 -10.32
N GLU A 64 11.72 0.24 -10.74
CA GLU A 64 12.76 -0.80 -10.68
C GLU A 64 13.25 -1.06 -9.26
N PRO A 65 12.49 -1.85 -8.47
CA PRO A 65 12.91 -2.24 -7.12
C PRO A 65 14.10 -3.18 -7.15
N ALA A 66 14.80 -3.25 -6.03
CA ALA A 66 15.96 -4.09 -5.87
C ALA A 66 15.65 -5.30 -5.01
N GLY A 67 14.47 -5.32 -4.42
CA GLY A 67 14.10 -6.40 -3.52
C GLY A 67 13.45 -5.88 -2.25
N PRO A 68 14.21 -5.18 -1.39
CA PRO A 68 13.69 -4.57 -0.16
C PRO A 68 12.41 -3.78 -0.41
N ALA A 69 11.34 -4.17 0.27
CA ALA A 69 10.06 -3.52 0.13
C ALA A 69 9.28 -3.56 1.44
N VAL A 70 8.63 -2.45 1.73
CA VAL A 70 7.76 -2.34 2.90
C VAL A 70 6.32 -2.26 2.44
N LEU A 71 5.51 -3.25 2.77
CA LEU A 71 4.10 -3.24 2.38
C LEU A 71 3.25 -3.04 3.61
N THR A 72 2.50 -1.97 3.58
CA THR A 72 1.69 -1.56 4.70
C THR A 72 0.22 -1.58 4.31
N ILE A 73 -0.61 -2.06 5.20
CA ILE A 73 -2.02 -2.25 4.95
C ILE A 73 -2.87 -1.68 6.07
N GLY A 74 -3.69 -0.69 5.76
CA GLY A 74 -4.53 -0.08 6.78
C GLY A 74 -5.95 0.10 6.32
N LEU A 75 -6.90 -0.25 7.17
CA LEU A 75 -8.32 -0.08 6.84
C LEU A 75 -8.91 1.01 7.73
N GLY A 76 -9.74 1.89 7.18
CA GLY A 76 -10.26 2.98 7.98
C GLY A 76 -11.77 3.17 7.88
N HIS A 77 -12.46 2.10 7.52
CA HIS A 77 -13.94 2.08 7.55
C HIS A 77 -14.42 0.65 7.60
N LYS A 78 -14.09 -0.05 6.53
CA LYS A 78 -14.57 -1.38 6.28
C LYS A 78 -14.05 -1.82 4.92
N GLY A 79 -14.25 -0.96 3.94
CA GLY A 79 -13.74 -1.22 2.63
C GLY A 79 -12.61 -0.28 2.28
N ARG A 80 -12.57 0.86 2.95
CA ARG A 80 -11.56 1.86 2.64
C ARG A 80 -10.21 1.44 3.19
N LEU A 81 -9.39 0.87 2.32
CA LEU A 81 -8.09 0.39 2.70
C LEU A 81 -6.99 1.16 1.99
N ALA A 82 -5.84 1.25 2.64
CA ALA A 82 -4.68 1.91 2.07
C ALA A 82 -3.50 0.95 2.09
N VAL A 83 -2.80 0.86 0.98
CA VAL A 83 -1.65 -0.01 0.88
C VAL A 83 -0.41 0.78 0.52
N VAL A 84 0.54 0.76 1.42
CA VAL A 84 1.81 1.44 1.22
C VAL A 84 2.87 0.43 0.83
N LEU A 85 3.56 0.68 -0.27
CA LEU A 85 4.69 -0.15 -0.65
C LEU A 85 5.92 0.72 -0.78
N ASP A 86 6.94 0.38 -0.04
CA ASP A 86 8.17 1.14 -0.04
C ASP A 86 9.30 0.24 -0.53
N TYR A 87 9.82 0.49 -1.71
CA TYR A 87 10.79 -0.42 -2.30
C TYR A 87 12.13 0.28 -2.52
N THR A 88 13.20 -0.43 -2.22
CA THR A 88 14.53 0.04 -2.55
C THR A 88 14.74 -0.08 -4.06
N ARG A 89 15.25 0.98 -4.68
CA ARG A 89 15.38 1.00 -6.12
C ARG A 89 16.78 0.60 -6.57
N LEU A 90 16.85 -0.08 -7.71
CA LEU A 90 18.11 -0.50 -8.31
C LEU A 90 18.87 0.69 -8.88
N ASN A 91 18.19 1.82 -8.97
CA ASN A 91 18.76 3.02 -9.56
C ASN A 91 19.41 3.90 -8.51
N ALA A 92 20.08 3.27 -7.55
CA ALA A 92 20.86 3.99 -6.55
C ALA A 92 19.97 4.90 -5.69
N ALA A 93 18.71 4.51 -5.53
CA ALA A 93 17.76 5.33 -4.81
C ALA A 93 16.70 4.46 -4.15
N LEU A 94 15.72 5.10 -3.53
CA LEU A 94 14.57 4.42 -3.00
C LEU A 94 13.34 4.92 -3.75
N GLY A 95 12.29 4.13 -3.72
CA GLY A 95 11.04 4.55 -4.30
C GLY A 95 9.90 3.98 -3.51
N SER A 96 8.96 4.81 -3.16
CA SER A 96 7.83 4.34 -2.39
C SER A 96 6.52 4.65 -3.11
N ALA A 97 5.54 3.78 -2.97
CA ALA A 97 4.29 3.88 -3.72
C ALA A 97 3.13 3.37 -2.89
N ALA A 98 1.92 3.77 -3.23
CA ALA A 98 0.73 3.34 -2.51
C ALA A 98 -0.51 3.39 -3.36
N TYR A 99 -1.58 2.82 -2.83
CA TYR A 99 -2.89 2.92 -3.43
C TYR A 99 -3.94 2.78 -2.33
N VAL A 100 -5.11 3.30 -2.59
CA VAL A 100 -6.18 3.28 -1.61
C VAL A 100 -7.45 2.81 -2.28
N VAL A 101 -8.23 2.07 -1.54
CA VAL A 101 -9.50 1.60 -2.03
C VAL A 101 -10.61 2.07 -1.12
N GLU A 102 -11.35 3.04 -1.62
CA GLU A 102 -12.37 3.74 -0.88
C GLU A 102 -13.49 2.81 -0.44
N ASP A 103 -13.80 1.82 -1.25
CA ASP A 103 -14.68 0.76 -0.82
C ASP A 103 -14.26 -0.56 -1.44
N SER A 104 -13.44 -1.28 -0.71
CA SER A 104 -13.05 -2.62 -1.10
C SER A 104 -14.20 -3.58 -0.82
N GLY A 105 -15.18 -3.12 -0.04
CA GLY A 105 -16.36 -3.90 0.25
C GLY A 105 -16.16 -4.89 1.38
N CYS A 106 -15.27 -4.56 2.30
CA CYS A 106 -14.89 -5.48 3.35
C CYS A 106 -15.45 -4.99 4.68
N SER A 107 -15.27 -5.77 5.73
CA SER A 107 -15.69 -5.34 7.06
C SER A 107 -14.48 -5.24 7.98
N SER A 108 -14.58 -4.43 9.04
CA SER A 108 -13.47 -4.19 9.96
C SER A 108 -12.76 -5.49 10.39
N SER A 109 -11.43 -5.42 10.49
CA SER A 109 -10.59 -6.49 11.05
C SER A 109 -10.65 -7.78 10.23
N GLU A 110 -9.80 -7.83 9.22
CA GLU A 110 -9.67 -8.97 8.33
C GLU A 110 -8.25 -9.55 8.40
N GLU A 111 -8.09 -10.82 8.07
CA GLU A 111 -6.78 -11.47 8.15
C GLU A 111 -6.00 -11.31 6.86
N VAL A 112 -4.88 -10.61 6.93
CA VAL A 112 -4.09 -10.33 5.75
C VAL A 112 -2.96 -11.33 5.59
N SER A 113 -2.93 -11.97 4.43
CA SER A 113 -1.92 -12.97 4.14
C SER A 113 -0.86 -12.41 3.18
N PHE A 114 0.37 -12.30 3.67
CA PHE A 114 1.49 -11.82 2.85
C PHE A 114 2.30 -13.01 2.36
N GLN A 115 2.33 -13.24 1.05
CA GLN A 115 3.05 -14.39 0.52
C GLN A 115 3.99 -14.02 -0.60
N GLY A 116 5.12 -14.69 -0.65
CA GLY A 116 6.15 -14.33 -1.60
C GLY A 116 7.13 -13.36 -0.97
N VAL A 117 7.15 -13.33 0.36
CA VAL A 117 7.97 -12.38 1.09
C VAL A 117 9.45 -12.63 0.86
N GLY A 118 9.76 -13.83 0.38
CA GLY A 118 11.11 -14.15 -0.02
C GLY A 118 12.01 -14.48 1.14
N SER A 119 12.64 -13.47 1.68
CA SER A 119 13.56 -13.63 2.79
C SER A 119 13.75 -12.27 3.46
N GLY A 120 14.14 -12.27 4.73
CA GLY A 120 14.30 -11.03 5.45
C GLY A 120 12.99 -10.39 5.81
N ALA A 121 11.91 -11.10 5.53
CA ALA A 121 10.59 -10.57 5.77
C ALA A 121 10.33 -10.39 7.25
N THR A 122 9.79 -9.23 7.61
CA THR A 122 9.48 -8.88 8.98
C THR A 122 8.23 -8.01 9.03
N LEU A 123 7.31 -8.35 9.91
CA LEU A 123 6.05 -7.63 10.00
C LEU A 123 6.02 -6.75 11.25
N VAL A 124 5.30 -5.65 11.14
CA VAL A 124 5.05 -4.76 12.26
C VAL A 124 3.62 -4.25 12.18
N VAL A 125 2.86 -4.41 13.24
CA VAL A 125 1.49 -3.94 13.26
C VAL A 125 1.43 -2.54 13.87
N THR A 126 0.73 -1.65 13.18
CA THR A 126 0.60 -0.27 13.60
C THR A 126 -0.87 0.12 13.73
N THR A 127 -1.11 1.36 14.11
CA THR A 127 -2.44 1.91 14.08
C THR A 127 -2.58 2.83 12.89
N LEU A 128 -3.82 3.02 12.45
CA LEU A 128 -4.12 3.73 11.20
C LEU A 128 -3.51 5.15 11.21
N GLY A 129 -3.33 5.73 10.02
CA GLY A 129 -2.57 6.97 9.87
C GLY A 129 -3.31 8.23 10.35
N GLU A 130 -3.35 9.26 9.49
CA GLU A 130 -4.05 10.51 9.81
C GLU A 130 -4.31 11.38 8.57
N SER A 131 -5.50 12.02 8.54
CA SER A 131 -5.90 13.01 7.51
C SER A 131 -6.43 12.37 6.22
N PRO A 132 -7.77 12.28 6.09
CA PRO A 132 -8.44 11.64 4.94
C PRO A 132 -8.37 12.46 3.64
N THR A 133 -8.25 11.77 2.50
CA THR A 133 -8.27 12.39 1.16
C THR A 133 -8.22 11.33 0.05
N ALA A 134 -9.30 11.23 -0.71
CA ALA A 134 -9.43 10.27 -1.82
C ALA A 134 -10.70 10.58 -2.57
N VAL A 135 -10.90 9.91 -3.71
CA VAL A 135 -12.00 10.27 -4.61
C VAL A 135 -13.22 9.37 -4.46
N SER A 136 -13.00 8.12 -4.04
CA SER A 136 -14.03 7.09 -4.11
C SER A 136 -14.22 6.65 -5.56
N LEU B 7 -21.55 11.05 -4.92
CA LEU B 7 -22.14 11.70 -3.72
C LEU B 7 -21.09 12.59 -3.04
N SER B 8 -21.55 13.68 -2.43
CA SER B 8 -20.66 14.67 -1.87
C SER B 8 -20.06 14.23 -0.53
N GLU B 9 -19.00 13.45 -0.62
CA GLU B 9 -18.21 13.07 0.54
C GLU B 9 -16.74 13.30 0.27
N THR B 10 -16.22 12.56 -0.71
CA THR B 10 -14.81 12.57 -1.02
C THR B 10 -14.45 13.66 -2.01
N PRO B 11 -13.23 14.20 -1.87
CA PRO B 11 -12.65 15.14 -2.83
C PRO B 11 -12.12 14.42 -4.06
N ALA B 12 -12.02 15.12 -5.17
CA ALA B 12 -11.47 14.54 -6.38
C ALA B 12 -10.01 14.18 -6.14
N ALA B 13 -9.70 12.88 -6.09
CA ALA B 13 -8.41 12.41 -5.60
C ALA B 13 -7.24 13.19 -6.20
N CYS B 14 -6.87 12.90 -7.44
CA CYS B 14 -5.71 13.52 -8.04
C CYS B 14 -5.91 15.02 -8.24
N SER B 15 -7.16 15.44 -8.35
CA SER B 15 -7.47 16.85 -8.59
C SER B 15 -7.25 17.70 -7.32
N SER B 16 -7.41 17.11 -6.14
CA SER B 16 -7.29 17.84 -4.89
C SER B 16 -5.85 17.86 -4.39
N ASN B 17 -5.01 17.04 -5.02
CA ASN B 17 -3.57 16.99 -4.76
C ASN B 17 -3.27 16.20 -3.50
N PRO B 18 -3.44 14.87 -3.56
CA PRO B 18 -3.21 13.98 -2.45
C PRO B 18 -1.79 13.44 -2.44
N CYS B 19 -1.44 12.73 -3.49
CA CYS B 19 -0.08 12.27 -3.70
C CYS B 19 0.71 13.34 -4.41
N GLY B 20 0.33 14.57 -4.11
CA GLY B 20 1.03 15.70 -4.68
C GLY B 20 1.48 16.72 -3.65
N PRO B 21 2.04 16.29 -2.48
CA PRO B 21 2.71 17.22 -1.56
C PRO B 21 4.01 17.73 -2.17
N GLU B 22 4.77 18.44 -1.37
CA GLU B 22 6.07 18.94 -1.79
C GLU B 22 7.09 17.81 -1.80
N ALA B 23 6.59 16.60 -1.53
CA ALA B 23 7.44 15.44 -1.42
C ALA B 23 7.17 14.41 -2.52
N ALA B 24 5.91 14.07 -2.70
CA ALA B 24 5.54 12.91 -3.51
C ALA B 24 5.93 13.04 -4.97
N GLY B 25 5.86 11.90 -5.66
CA GLY B 25 6.38 11.79 -7.00
C GLY B 25 5.29 11.64 -8.03
N THR B 26 4.29 10.83 -7.75
CA THR B 26 3.28 10.53 -8.75
C THR B 26 1.89 10.36 -8.13
N CYS B 27 0.88 10.69 -8.92
CA CYS B 27 -0.52 10.57 -8.49
C CYS B 27 -1.34 9.91 -9.61
N LYS B 28 -2.23 8.98 -9.23
CA LYS B 28 -3.06 8.26 -10.19
C LYS B 28 -4.43 7.93 -9.61
N GLU B 29 -5.50 8.50 -10.15
CA GLU B 29 -6.84 8.16 -9.70
C GLU B 29 -7.26 6.81 -10.26
N THR B 30 -7.95 6.04 -9.44
CA THR B 30 -8.36 4.69 -9.81
C THR B 30 -9.87 4.59 -9.89
N ASN B 31 -10.38 3.36 -9.94
CA ASN B 31 -11.81 3.12 -9.93
C ASN B 31 -12.28 2.94 -8.49
N SER B 32 -11.33 2.90 -7.57
CA SER B 32 -11.61 2.60 -6.17
C SER B 32 -10.92 3.57 -5.23
N GLY B 33 -10.53 4.73 -5.72
CA GLY B 33 -9.87 5.71 -4.91
C GLY B 33 -8.75 6.31 -5.70
N TYR B 34 -7.54 6.15 -5.23
CA TYR B 34 -6.41 6.68 -5.94
C TYR B 34 -5.14 5.92 -5.60
N ILE B 35 -4.11 6.18 -6.39
CA ILE B 35 -2.80 5.60 -6.23
C ILE B 35 -1.77 6.71 -6.04
N CYS B 36 -0.83 6.50 -5.16
CA CYS B 36 0.20 7.47 -4.90
C CYS B 36 1.57 6.86 -5.16
N ARG B 37 2.50 7.70 -5.51
CA ARG B 37 3.87 7.29 -5.68
C ARG B 37 4.79 8.38 -5.18
N CYS B 38 5.81 7.99 -4.48
CA CYS B 38 6.74 8.94 -3.88
C CYS B 38 7.98 9.14 -4.72
N ASN B 39 8.73 10.14 -4.30
CA ASN B 39 10.02 10.46 -4.86
C ASN B 39 11.11 9.71 -4.08
N GLN B 40 12.36 9.86 -4.51
CA GLN B 40 13.50 9.13 -3.92
C GLN B 40 13.51 9.20 -2.38
N GLY B 41 13.43 10.41 -1.85
CA GLY B 41 13.60 10.60 -0.42
C GLY B 41 12.32 10.45 0.38
N TYR B 42 11.29 9.83 -0.19
CA TYR B 42 10.03 9.78 0.52
C TYR B 42 9.41 8.40 0.47
N ARG B 43 8.57 8.16 1.45
CA ARG B 43 7.78 6.97 1.53
C ARG B 43 6.34 7.35 1.76
N ILE B 44 5.45 6.44 1.50
CA ILE B 44 4.04 6.73 1.57
C ILE B 44 3.51 6.58 2.98
N SER B 45 2.89 7.63 3.49
CA SER B 45 2.26 7.58 4.78
C SER B 45 0.75 7.50 4.60
N LEU B 46 0.19 6.37 5.02
CA LEU B 46 -1.21 6.13 4.90
C LEU B 46 -1.95 6.79 6.07
N ASP B 47 -3.17 7.23 5.81
CA ASP B 47 -3.90 8.04 6.78
C ASP B 47 -4.84 7.22 7.64
N GLY B 48 -5.58 7.95 8.47
CA GLY B 48 -6.38 7.35 9.51
C GLY B 48 -7.76 7.01 9.02
N THR B 49 -7.87 6.85 7.72
CA THR B 49 -9.12 6.48 7.11
C THR B 49 -8.88 5.42 6.02
N GLY B 50 -7.71 5.45 5.41
CA GLY B 50 -7.35 4.45 4.43
C GLY B 50 -6.93 5.08 3.11
N ASN B 51 -6.27 6.22 3.22
CA ASN B 51 -5.74 6.93 2.07
C ASN B 51 -4.23 7.08 2.25
N VAL B 52 -3.54 7.70 1.31
CA VAL B 52 -2.07 7.73 1.33
C VAL B 52 -1.48 9.02 0.72
N THR B 53 -0.31 9.40 1.22
CA THR B 53 0.47 10.52 0.67
C THR B 53 1.94 10.39 1.11
N CYS B 54 2.84 11.13 0.48
CA CYS B 54 4.28 10.93 0.65
C CYS B 54 4.93 11.89 1.63
N ILE B 55 5.81 11.32 2.44
CA ILE B 55 6.72 12.08 3.31
C ILE B 55 8.06 11.38 3.36
N VAL B 56 9.08 12.05 3.93
CA VAL B 56 10.43 11.52 3.95
C VAL B 56 10.46 10.04 4.29
N ARG B 57 11.24 9.34 3.52
CA ARG B 57 11.36 7.90 3.61
C ARG B 57 11.92 7.44 4.96
N GLN B 58 11.10 6.70 5.70
CA GLN B 58 11.60 5.99 6.86
C GLN B 58 10.98 4.58 6.91
N GLU B 59 9.66 4.50 6.77
CA GLU B 59 8.90 3.24 6.78
C GLU B 59 7.43 3.53 6.99
N SER B 60 6.61 3.27 5.97
CA SER B 60 5.19 3.63 6.02
C SER B 60 5.09 5.14 6.22
N GLY B 61 5.77 5.86 5.36
CA GLY B 61 5.93 7.28 5.55
C GLY B 61 7.26 7.58 6.19
#